data_4YJZ
#
_entry.id   4YJZ
#
_cell.length_a   63.149
_cell.length_b   153.166
_cell.length_c   177.628
_cell.angle_alpha   90.000
_cell.angle_beta   90.000
_cell.angle_gamma   90.000
#
_symmetry.space_group_name_H-M   'I 2 2 2'
#
loop_
_entity.id
_entity.type
_entity.pdbx_description
1 polymer Hemagglutinin
2 polymer 'scFv H2526'
3 non-polymer 2-acetamido-2-deoxy-beta-D-glucopyranose
4 water water
#
loop_
_entity_poly.entity_id
_entity_poly.type
_entity_poly.pdbx_seq_one_letter_code
_entity_poly.pdbx_strand_id
1 'polypeptide(L)'
;APLQLGNCSVAGWILGNPECELLISRESWSYIVEKPNPENGTCYPGHFADYEELREQLSSVSSFERFEIFPKESSWPNHT
TTGVSASCSHNGESSFYKNLLWLTGKNGLYPNLSKSYANNKEKEVLVLWGVHHPPNIGDQRALYHTENAYVSVVSSHYSR
KFTPEIAKRPKVRDQEGRINYYWTLLEPGDTIIFEANGNLIAPRYAFALSRGFGSGLEVLFQ
;
E
2 'polypeptide(L)'
;QSVLTQPLSAPGTPGQRVTISCSGSSSNVGTNAVDWYQRLPGTAPKLLIYYNNQRPSGVPDRFSGSKSGTSASLAISGLR
SEDEADYYCATWDNSLNDRVFGGGTKLTVLGGGGGGSGGGGSGGGGSQVQLVQSGAEVRKPGSSVKVSCKASRGTFSNHA
VSWVRQAPGHGLEWLGGLIPIFSTPHYAQKFQGRVTITADESTNTVHMELSSLRSEDTAVYYCAREIPGATSGPDHFFFY
GMDVWGQGTTVAVSSASGSSGSGHHHHHH
;
L
#
loop_
_chem_comp.id
_chem_comp.type
_chem_comp.name
_chem_comp.formula
NAG D-saccharide, beta linking 2-acetamido-2-deoxy-beta-D-glucopyranose 'C8 H15 N O6'
#
# COMPACT_ATOMS: atom_id res chain seq x y z
N ALA A 1 -14.61 -39.14 -2.01
CA ALA A 1 -13.22 -38.75 -2.21
C ALA A 1 -12.86 -37.53 -1.37
N PRO A 2 -11.89 -37.69 -0.44
CA PRO A 2 -11.48 -36.65 0.51
C PRO A 2 -10.84 -35.41 -0.14
N LEU A 3 -10.81 -34.31 0.59
CA LEU A 3 -10.26 -33.04 0.08
C LEU A 3 -9.00 -32.57 0.85
N GLN A 4 -7.84 -32.64 0.21
CA GLN A 4 -6.59 -32.21 0.81
C GLN A 4 -6.45 -30.69 0.74
N LEU A 5 -6.10 -30.07 1.87
CA LEU A 5 -5.91 -28.63 1.91
C LEU A 5 -4.43 -28.31 2.05
N GLY A 6 -3.60 -29.33 1.88
CA GLY A 6 -2.17 -29.18 2.01
C GLY A 6 -1.78 -28.62 3.36
N ASN A 7 -0.92 -27.58 3.26
CA ASN A 7 -0.37 -26.79 4.35
C ASN A 7 -1.28 -25.62 4.73
N CYS A 8 -2.49 -25.61 4.16
CA CYS A 8 -3.47 -24.55 4.38
C CYS A 8 -4.55 -24.96 5.39
N SER A 9 -5.14 -23.96 6.02
CA SER A 9 -6.27 -24.14 6.93
C SER A 9 -7.53 -23.77 6.15
N VAL A 10 -8.68 -24.21 6.63
CA VAL A 10 -9.95 -23.91 5.95
C VAL A 10 -10.10 -22.39 5.76
N ALA A 11 -9.67 -21.62 6.74
CA ALA A 11 -9.70 -20.17 6.64
C ALA A 11 -8.96 -19.69 5.39
N GLY A 12 -7.70 -20.11 5.25
CA GLY A 12 -6.88 -19.71 4.12
C GLY A 12 -7.45 -20.08 2.76
N TRP A 13 -7.79 -21.35 2.63
CA TRP A 13 -8.36 -21.85 1.38
C TRP A 13 -9.65 -21.11 1.02
N ILE A 14 -10.52 -20.93 2.00
CA ILE A 14 -11.82 -20.37 1.71
C ILE A 14 -11.73 -18.86 1.53
N LEU A 15 -10.80 -18.21 2.21
CA LEU A 15 -10.57 -16.78 2.02
C LEU A 15 -9.84 -16.47 0.70
N GLY A 16 -8.95 -17.37 0.31
CA GLY A 16 -8.21 -17.19 -0.92
C GLY A 16 -6.86 -16.63 -0.58
N ASN A 17 -6.27 -17.15 0.50
CA ASN A 17 -4.88 -16.88 0.83
C ASN A 17 -4.05 -17.03 -0.43
N PRO A 18 -3.08 -16.14 -0.63
CA PRO A 18 -2.30 -16.19 -1.87
C PRO A 18 -1.48 -17.47 -1.98
N GLU A 19 -1.06 -17.99 -0.84
CA GLU A 19 -0.45 -19.30 -0.79
C GLU A 19 -1.54 -20.36 -0.82
N CYS A 20 -2.67 -20.07 -1.48
CA CYS A 20 -3.76 -21.05 -1.54
C CYS A 20 -4.54 -21.17 -2.83
N GLU A 21 -4.01 -20.69 -3.97
CA GLU A 21 -4.64 -21.08 -5.22
C GLU A 21 -3.84 -22.27 -5.70
N LEU A 22 -2.76 -22.52 -4.98
CA LEU A 22 -2.20 -23.84 -4.74
C LEU A 22 -2.69 -24.94 -5.62
N LEU A 23 -3.98 -25.17 -5.43
CA LEU A 23 -4.63 -26.46 -5.29
C LEU A 23 -5.71 -26.77 -6.31
N ILE A 24 -5.91 -28.07 -6.35
CA ILE A 24 -6.67 -28.79 -7.31
C ILE A 24 -8.13 -28.49 -7.01
N SER A 25 -8.67 -27.51 -7.72
CA SER A 25 -10.07 -27.12 -7.60
C SER A 25 -10.94 -28.37 -7.72
N ARG A 26 -11.65 -28.69 -6.64
CA ARG A 26 -12.53 -29.84 -6.62
C ARG A 26 -13.98 -29.41 -6.51
N GLU A 27 -14.87 -30.27 -6.99
CA GLU A 27 -16.27 -29.91 -7.12
C GLU A 27 -17.10 -30.60 -6.04
N SER A 28 -16.52 -31.62 -5.41
CA SER A 28 -17.22 -32.38 -4.37
C SER A 28 -16.27 -33.14 -3.47
N TRP A 29 -16.70 -33.42 -2.24
CA TRP A 29 -15.90 -34.19 -1.30
C TRP A 29 -16.71 -34.67 -0.10
N SER A 30 -16.18 -35.67 0.61
CA SER A 30 -16.88 -36.30 1.72
C SER A 30 -16.41 -35.81 3.10
N TYR A 31 -15.10 -35.83 3.32
CA TYR A 31 -14.50 -35.28 4.53
C TYR A 31 -13.27 -34.43 4.16
N ILE A 32 -12.75 -33.65 5.10
CA ILE A 32 -11.63 -32.74 4.79
C ILE A 32 -10.38 -33.00 5.61
N VAL A 33 -9.27 -33.20 4.91
CA VAL A 33 -7.97 -33.45 5.54
C VAL A 33 -7.17 -32.18 5.69
N GLU A 34 -6.84 -31.83 6.93
CA GLU A 34 -6.14 -30.60 7.24
C GLU A 34 -5.17 -30.81 8.40
N LYS A 35 -3.95 -30.31 8.26
CA LYS A 35 -2.96 -30.40 9.34
C LYS A 35 -3.46 -29.68 10.60
N PRO A 36 -3.11 -30.21 11.78
CA PRO A 36 -3.56 -29.57 13.03
C PRO A 36 -2.88 -28.21 13.19
N ASN A 37 -1.64 -28.14 12.70
CA ASN A 37 -0.91 -26.88 12.60
C ASN A 37 -0.73 -26.53 11.13
N PRO A 38 -1.71 -25.80 10.57
CA PRO A 38 -1.63 -25.32 9.20
C PRO A 38 -0.88 -24.00 9.16
N GLU A 39 0.05 -23.89 8.22
CA GLU A 39 1.01 -22.80 8.24
C GLU A 39 0.49 -21.55 7.52
N ASN A 40 -0.38 -21.74 6.54
CA ASN A 40 -0.96 -20.63 5.76
C ASN A 40 -2.49 -20.45 5.91
N GLY A 41 -2.90 -19.60 6.83
CA GLY A 41 -4.32 -19.35 7.05
C GLY A 41 -4.70 -17.90 6.92
N THR A 42 -5.04 -17.27 8.04
CA THR A 42 -5.34 -15.86 8.03
C THR A 42 -4.04 -15.10 7.92
N CYS A 43 -3.60 -14.87 6.68
CA CYS A 43 -2.30 -14.27 6.43
C CYS A 43 -2.25 -12.90 7.10
N TYR A 44 -3.36 -12.19 7.06
CA TYR A 44 -3.53 -10.95 7.82
C TYR A 44 -4.25 -11.28 9.14
N PRO A 45 -3.64 -10.95 10.28
CA PRO A 45 -4.14 -11.47 11.55
C PRO A 45 -5.53 -10.95 11.89
N GLY A 46 -6.31 -11.79 12.57
CA GLY A 46 -7.66 -11.44 12.97
C GLY A 46 -8.53 -12.65 13.27
N HIS A 47 -9.72 -12.38 13.79
CA HIS A 47 -10.57 -13.45 14.27
C HIS A 47 -11.54 -13.93 13.21
N PHE A 48 -11.62 -15.23 12.99
CA PHE A 48 -12.62 -15.70 12.05
C PHE A 48 -13.88 -16.15 12.80
N ALA A 49 -14.93 -15.35 12.70
CA ALA A 49 -16.22 -15.59 13.36
C ALA A 49 -16.82 -16.96 13.03
N ASP A 50 -17.37 -17.63 14.05
CA ASP A 50 -18.01 -18.92 13.90
C ASP A 50 -17.23 -19.89 13.05
N TYR A 51 -15.97 -20.07 13.40
CA TYR A 51 -15.06 -20.81 12.55
C TYR A 51 -15.38 -22.29 12.61
N GLU A 52 -15.58 -22.80 13.82
CA GLU A 52 -15.84 -24.23 13.98
C GLU A 52 -17.12 -24.66 13.26
N GLU A 53 -18.12 -23.80 13.29
CA GLU A 53 -19.39 -24.07 12.62
C GLU A 53 -19.18 -24.17 11.12
N LEU A 54 -18.42 -23.22 10.58
CA LEU A 54 -18.13 -23.20 9.16
C LEU A 54 -17.36 -24.44 8.72
N ARG A 55 -16.42 -24.89 9.52
CA ARG A 55 -15.67 -26.10 9.22
C ARG A 55 -16.54 -27.35 9.19
N GLU A 56 -17.59 -27.37 10.02
CA GLU A 56 -18.54 -28.48 10.00
C GLU A 56 -19.37 -28.42 8.74
N GLN A 57 -19.94 -27.24 8.50
CA GLN A 57 -20.86 -27.05 7.39
C GLN A 57 -20.18 -27.37 6.06
N LEU A 58 -18.86 -27.22 6.04
CA LEU A 58 -18.06 -27.51 4.85
C LEU A 58 -17.44 -28.89 4.88
N SER A 59 -17.50 -29.55 6.04
CA SER A 59 -16.95 -30.88 6.20
C SER A 59 -17.49 -31.84 5.14
N SER A 60 -18.76 -31.63 4.76
CA SER A 60 -19.45 -32.50 3.82
C SER A 60 -20.14 -31.71 2.71
N VAL A 61 -19.71 -31.89 1.47
CA VAL A 61 -20.21 -31.10 0.32
C VAL A 61 -20.40 -31.94 -0.95
N SER A 62 -21.52 -31.75 -1.65
CA SER A 62 -21.76 -32.49 -2.88
C SER A 62 -21.50 -31.67 -4.16
N SER A 63 -21.62 -30.36 -4.07
CA SER A 63 -21.35 -29.49 -5.21
C SER A 63 -20.72 -28.20 -4.72
N PHE A 64 -19.79 -27.65 -5.50
CA PHE A 64 -19.01 -26.51 -5.04
C PHE A 64 -18.37 -25.78 -6.19
N GLU A 65 -18.88 -24.61 -6.51
CA GLU A 65 -18.25 -23.81 -7.53
C GLU A 65 -17.98 -22.41 -7.00
N ARG A 66 -16.80 -21.90 -7.30
CA ARG A 66 -16.48 -20.51 -7.00
C ARG A 66 -17.05 -19.62 -8.09
N PHE A 67 -17.55 -18.44 -7.73
CA PHE A 67 -18.07 -17.49 -8.70
C PHE A 67 -17.91 -16.04 -8.22
N GLU A 68 -17.82 -15.08 -9.14
CA GLU A 68 -17.49 -13.71 -8.78
C GLU A 68 -18.71 -12.89 -8.42
N ILE A 69 -18.96 -12.79 -7.13
CA ILE A 69 -20.22 -12.24 -6.64
C ILE A 69 -20.25 -10.74 -6.85
N PHE A 70 -19.17 -10.09 -6.52
CA PHE A 70 -19.09 -8.67 -6.78
C PHE A 70 -17.88 -8.42 -7.63
N PRO A 71 -18.08 -8.29 -8.95
CA PRO A 71 -16.99 -8.19 -9.92
C PRO A 71 -16.10 -6.98 -9.66
N LYS A 72 -14.79 -7.20 -9.65
CA LYS A 72 -13.82 -6.14 -9.35
C LYS A 72 -13.95 -4.87 -10.22
N GLU A 73 -14.25 -5.01 -11.50
CA GLU A 73 -14.14 -3.84 -12.36
C GLU A 73 -15.44 -3.08 -12.55
N SER A 74 -16.54 -3.51 -11.96
CA SER A 74 -17.77 -2.74 -12.12
C SER A 74 -18.48 -2.41 -10.80
N SER A 75 -18.07 -3.05 -9.70
CA SER A 75 -18.80 -2.89 -8.42
C SER A 75 -18.43 -1.66 -7.64
N TRP A 76 -17.21 -1.18 -7.83
CA TRP A 76 -16.60 -0.22 -6.92
C TRP A 76 -16.05 1.01 -7.60
N PRO A 77 -16.86 1.66 -8.44
CA PRO A 77 -16.33 2.79 -9.21
C PRO A 77 -15.96 3.99 -8.36
N ASN A 78 -16.43 4.08 -7.11
CA ASN A 78 -16.17 5.27 -6.32
C ASN A 78 -15.19 4.97 -5.20
N HIS A 79 -14.62 3.77 -5.23
CA HIS A 79 -13.71 3.31 -4.17
C HIS A 79 -12.49 2.67 -4.77
N THR A 80 -11.34 2.86 -4.11
CA THR A 80 -10.12 2.17 -4.49
C THR A 80 -10.07 0.75 -4.01
N THR A 81 -9.79 -0.16 -4.94
CA THR A 81 -9.71 -1.56 -4.60
C THR A 81 -8.35 -2.19 -4.90
N THR A 82 -7.34 -1.38 -5.18
CA THR A 82 -6.10 -1.99 -5.63
C THR A 82 -5.20 -2.45 -4.47
N GLY A 83 -5.45 -1.98 -3.26
CA GLY A 83 -4.47 -2.16 -2.19
C GLY A 83 -4.00 -3.60 -2.01
N VAL A 84 -2.72 -3.80 -1.74
CA VAL A 84 -2.22 -5.12 -1.38
C VAL A 84 -1.33 -5.00 -0.15
N SER A 85 -0.98 -6.14 0.45
CA SER A 85 -0.28 -6.13 1.72
C SER A 85 0.82 -7.16 1.73
N ALA A 86 1.97 -6.77 2.30
CA ALA A 86 3.06 -7.68 2.61
C ALA A 86 2.68 -8.80 3.62
N SER A 87 1.59 -8.62 4.36
CA SER A 87 1.14 -9.70 5.22
C SER A 87 0.64 -10.88 4.39
N CYS A 88 0.17 -10.57 3.18
CA CYS A 88 -0.27 -11.60 2.25
C CYS A 88 0.64 -11.64 1.07
N SER A 89 1.88 -12.04 1.30
CA SER A 89 2.87 -12.05 0.25
C SER A 89 2.98 -13.42 -0.41
N HIS A 90 2.79 -13.43 -1.72
CA HIS A 90 2.91 -14.63 -2.54
C HIS A 90 4.22 -14.61 -3.31
N ASN A 91 5.07 -15.62 -3.08
CA ASN A 91 6.36 -15.77 -3.79
C ASN A 91 7.36 -14.68 -3.47
N GLY A 92 7.04 -13.84 -2.50
CA GLY A 92 7.89 -12.71 -2.17
C GLY A 92 7.18 -11.37 -2.29
N GLU A 93 6.29 -11.24 -3.27
CA GLU A 93 5.60 -9.98 -3.48
C GLU A 93 4.31 -9.82 -2.69
N SER A 94 3.96 -8.58 -2.38
CA SER A 94 2.70 -8.29 -1.69
C SER A 94 1.50 -8.64 -2.52
N SER A 95 0.44 -9.07 -1.83
CA SER A 95 -0.79 -9.45 -2.49
C SER A 95 -1.97 -9.38 -1.53
N PHE A 96 -3.02 -10.14 -1.80
CA PHE A 96 -4.20 -10.18 -0.94
C PHE A 96 -5.03 -11.43 -1.20
N TYR A 97 -5.96 -11.72 -0.31
CA TYR A 97 -6.92 -12.81 -0.52
C TYR A 97 -7.60 -12.69 -1.90
N LYS A 98 -7.74 -13.78 -2.63
CA LYS A 98 -8.33 -13.66 -3.95
C LYS A 98 -9.84 -13.46 -3.88
N ASN A 99 -10.45 -13.84 -2.77
CA ASN A 99 -11.90 -13.81 -2.62
C ASN A 99 -12.39 -12.53 -1.96
N LEU A 100 -11.45 -11.70 -1.50
CA LEU A 100 -11.79 -10.38 -0.94
C LEU A 100 -11.05 -9.21 -1.59
N LEU A 101 -11.58 -8.01 -1.39
CA LEU A 101 -10.99 -6.76 -1.85
C LEU A 101 -10.94 -5.76 -0.72
N TRP A 102 -9.79 -5.13 -0.55
CA TRP A 102 -9.65 -4.10 0.47
C TRP A 102 -10.12 -2.78 -0.07
N LEU A 103 -11.34 -2.36 0.23
CA LEU A 103 -11.78 -1.07 -0.27
C LEU A 103 -11.13 0.05 0.52
N THR A 104 -10.56 1.05 -0.17
CA THR A 104 -10.10 2.24 0.53
C THR A 104 -10.51 3.46 -0.29
N GLY A 105 -10.24 4.65 0.24
CA GLY A 105 -10.68 5.89 -0.37
C GLY A 105 -10.23 6.12 -1.80
N LYS A 106 -10.98 6.96 -2.49
CA LYS A 106 -10.70 7.31 -3.86
C LYS A 106 -11.09 8.77 -4.04
N ASN A 107 -10.23 9.55 -4.72
CA ASN A 107 -10.40 10.98 -4.90
C ASN A 107 -10.60 11.76 -3.62
N GLY A 108 -10.00 11.31 -2.52
CA GLY A 108 -10.12 11.98 -1.23
C GLY A 108 -11.40 11.62 -0.51
N LEU A 109 -12.20 10.76 -1.12
CA LEU A 109 -13.51 10.44 -0.57
C LEU A 109 -13.68 8.95 -0.32
N TYR A 110 -14.53 8.64 0.64
CA TYR A 110 -15.03 7.28 0.80
C TYR A 110 -16.52 7.39 0.90
N PRO A 111 -17.20 7.39 -0.26
CA PRO A 111 -18.65 7.60 -0.28
C PRO A 111 -19.38 6.46 0.42
N ASN A 112 -20.57 6.72 0.96
CA ASN A 112 -21.37 5.64 1.51
C ASN A 112 -21.63 4.62 0.43
N LEU A 113 -21.37 3.36 0.72
CA LEU A 113 -21.69 2.35 -0.26
C LEU A 113 -22.84 1.46 0.23
N SER A 114 -23.58 0.92 -0.71
CA SER A 114 -24.54 -0.10 -0.39
C SER A 114 -24.63 -0.91 -1.65
N LYS A 115 -24.21 -2.18 -1.61
CA LYS A 115 -24.34 -3.03 -2.76
C LYS A 115 -25.02 -4.29 -2.29
N SER A 116 -25.80 -4.88 -3.17
CA SER A 116 -26.69 -5.98 -2.81
C SER A 116 -26.45 -7.19 -3.70
N TYR A 117 -26.84 -8.36 -3.23
CA TYR A 117 -26.78 -9.52 -4.11
C TYR A 117 -27.93 -10.49 -3.86
N ALA A 118 -28.61 -10.85 -4.93
CA ALA A 118 -29.76 -11.75 -4.85
C ALA A 118 -29.33 -13.15 -5.27
N ASN A 119 -29.65 -14.16 -4.47
CA ASN A 119 -29.24 -15.51 -4.83
C ASN A 119 -30.16 -16.07 -5.92
N ASN A 120 -29.63 -16.25 -7.11
CA ASN A 120 -30.41 -16.79 -8.20
C ASN A 120 -29.85 -18.14 -8.65
N LYS A 121 -28.95 -18.70 -7.86
CA LYS A 121 -28.18 -19.85 -8.32
C LYS A 121 -28.78 -21.19 -7.93
N GLU A 122 -29.95 -21.17 -7.31
CA GLU A 122 -30.66 -22.39 -6.93
C GLU A 122 -29.85 -23.32 -6.02
N LYS A 123 -28.90 -22.74 -5.29
CA LYS A 123 -28.10 -23.46 -4.31
C LYS A 123 -27.75 -22.49 -3.21
N GLU A 124 -27.47 -23.00 -2.02
CA GLU A 124 -26.99 -22.15 -0.94
C GLU A 124 -25.70 -21.48 -1.37
N VAL A 125 -25.59 -20.17 -1.11
CA VAL A 125 -24.36 -19.44 -1.44
C VAL A 125 -23.62 -18.89 -0.20
N LEU A 126 -22.40 -19.38 -0.01
CA LEU A 126 -21.52 -18.97 1.09
C LEU A 126 -20.81 -17.66 0.79
N VAL A 127 -21.08 -16.65 1.62
CA VAL A 127 -20.59 -15.31 1.38
C VAL A 127 -19.66 -14.87 2.49
N LEU A 128 -18.42 -14.53 2.16
CA LEU A 128 -17.44 -14.11 3.17
C LEU A 128 -17.04 -12.64 3.02
N TRP A 129 -16.67 -12.02 4.13
CA TRP A 129 -16.26 -10.63 4.12
C TRP A 129 -15.47 -10.37 5.38
N GLY A 130 -14.75 -9.24 5.44
CA GLY A 130 -13.99 -8.89 6.62
C GLY A 130 -14.29 -7.48 7.09
N VAL A 131 -13.87 -7.13 8.31
CA VAL A 131 -13.87 -5.76 8.77
C VAL A 131 -12.50 -5.37 9.34
N HIS A 132 -11.99 -4.23 8.92
CA HIS A 132 -10.65 -3.83 9.30
C HIS A 132 -10.58 -3.02 10.59
N HIS A 133 -9.67 -3.41 11.47
CA HIS A 133 -9.41 -2.68 12.72
C HIS A 133 -8.00 -2.09 12.76
N PRO A 134 -7.89 -0.79 12.46
CA PRO A 134 -6.60 -0.10 12.51
C PRO A 134 -6.24 0.22 13.97
N PRO A 135 -4.94 0.32 14.30
CA PRO A 135 -4.48 0.54 15.67
C PRO A 135 -4.51 2.00 16.13
N ASN A 136 -4.86 2.95 15.26
CA ASN A 136 -4.96 4.35 15.67
C ASN A 136 -5.80 5.14 14.70
N ILE A 137 -6.18 6.34 15.09
CA ILE A 137 -7.11 7.12 14.29
C ILE A 137 -6.39 7.79 13.10
N GLY A 138 -5.07 7.75 13.10
CA GLY A 138 -4.32 8.31 12.00
C GLY A 138 -4.49 7.41 10.79
N ASP A 139 -4.41 6.10 11.03
CA ASP A 139 -4.58 5.13 9.96
C ASP A 139 -5.98 5.18 9.41
N GLN A 140 -6.92 5.36 10.31
CA GLN A 140 -8.33 5.32 9.98
C GLN A 140 -8.63 6.43 8.97
N ARG A 141 -8.13 7.63 9.25
CA ARG A 141 -8.33 8.75 8.33
C ARG A 141 -7.63 8.51 7.00
N ALA A 142 -6.45 7.92 7.05
CA ALA A 142 -5.66 7.71 5.87
C ALA A 142 -6.34 6.74 4.90
N LEU A 143 -6.94 5.68 5.44
CA LEU A 143 -7.52 4.67 4.58
C LEU A 143 -8.91 5.02 4.15
N TYR A 144 -9.71 5.62 5.03
CA TYR A 144 -11.13 5.76 4.78
C TYR A 144 -11.68 7.18 4.94
N HIS A 145 -10.84 8.14 5.28
CA HIS A 145 -11.28 9.55 5.35
C HIS A 145 -12.52 9.78 6.22
N THR A 146 -12.58 9.09 7.33
CA THR A 146 -13.68 9.25 8.27
C THR A 146 -13.30 8.64 9.60
N GLU A 147 -13.63 9.32 10.67
CA GLU A 147 -13.19 8.90 11.98
C GLU A 147 -14.21 7.93 12.58
N ASN A 148 -15.49 8.14 12.25
CA ASN A 148 -16.54 7.25 12.71
C ASN A 148 -17.15 6.48 11.55
N ALA A 149 -16.81 5.20 11.46
CA ALA A 149 -17.26 4.34 10.37
C ALA A 149 -18.07 3.13 10.84
N TYR A 150 -18.90 2.60 9.94
CA TYR A 150 -19.69 1.40 10.20
C TYR A 150 -19.72 0.44 9.01
N VAL A 151 -19.97 -0.83 9.30
CA VAL A 151 -20.26 -1.83 8.26
C VAL A 151 -21.55 -2.54 8.68
N SER A 152 -22.49 -2.75 7.76
CA SER A 152 -23.72 -3.42 8.10
C SER A 152 -24.08 -4.48 7.06
N VAL A 153 -24.03 -5.74 7.47
CA VAL A 153 -24.44 -6.84 6.60
C VAL A 153 -25.81 -7.35 7.03
N VAL A 154 -26.71 -7.50 6.08
CA VAL A 154 -28.10 -7.86 6.36
C VAL A 154 -28.70 -8.80 5.32
N SER A 155 -29.17 -9.97 5.77
CA SER A 155 -29.99 -10.85 4.93
C SER A 155 -31.26 -11.17 5.69
N SER A 156 -31.86 -12.33 5.42
CA SER A 156 -33.08 -12.70 6.14
C SER A 156 -32.76 -13.46 7.42
N HIS A 157 -31.54 -13.97 7.51
CA HIS A 157 -31.12 -14.71 8.68
C HIS A 157 -30.01 -13.96 9.40
N TYR A 158 -29.42 -13.01 8.68
CA TYR A 158 -28.21 -12.31 9.15
C TYR A 158 -28.45 -10.82 9.28
N SER A 159 -28.09 -10.28 10.43
CA SER A 159 -28.22 -8.85 10.63
C SER A 159 -27.23 -8.34 11.68
N ARG A 160 -26.17 -7.68 11.22
CA ARG A 160 -25.16 -7.20 12.15
C ARG A 160 -24.57 -5.86 11.72
N LYS A 161 -24.21 -5.06 12.72
CA LYS A 161 -23.57 -3.79 12.49
C LYS A 161 -22.24 -3.76 13.23
N PHE A 162 -21.16 -3.61 12.45
CA PHE A 162 -19.81 -3.58 13.01
C PHE A 162 -19.35 -2.15 13.09
N THR A 163 -18.77 -1.78 14.23
CA THR A 163 -17.99 -0.57 14.33
C THR A 163 -16.59 -1.06 14.64
N PRO A 164 -15.60 -0.46 14.00
CA PRO A 164 -14.21 -0.91 14.13
C PRO A 164 -13.66 -0.47 15.48
N GLU A 165 -12.95 -1.35 16.18
CA GLU A 165 -12.36 -0.93 17.44
C GLU A 165 -10.94 -0.49 17.13
N ILE A 166 -10.68 0.77 17.41
CA ILE A 166 -9.42 1.42 17.16
C ILE A 166 -8.58 1.58 18.42
N ALA A 167 -7.59 0.70 18.61
CA ALA A 167 -6.57 0.92 19.63
C ALA A 167 -5.36 -0.02 19.47
N LYS A 168 -4.35 0.20 20.30
CA LYS A 168 -3.09 -0.53 20.25
C LYS A 168 -3.29 -2.01 20.47
N ARG A 169 -2.55 -2.82 19.71
CA ARG A 169 -2.55 -4.27 19.87
C ARG A 169 -1.12 -4.78 19.87
N PRO A 170 -0.91 -6.08 20.08
CA PRO A 170 0.38 -6.72 19.83
C PRO A 170 0.61 -7.10 18.35
N LYS A 171 1.84 -7.07 17.87
CA LYS A 171 2.05 -7.43 16.48
C LYS A 171 2.07 -8.92 16.22
N VAL A 172 1.15 -9.32 15.36
CA VAL A 172 1.10 -10.68 14.84
C VAL A 172 1.56 -10.61 13.40
N ARG A 173 2.53 -11.43 13.01
CA ARG A 173 3.03 -11.40 11.64
C ARG A 173 3.35 -9.95 11.22
N ASP A 174 4.03 -9.23 12.11
CA ASP A 174 4.42 -7.82 11.95
C ASP A 174 3.25 -6.82 11.78
N GLN A 175 2.00 -7.28 11.93
CA GLN A 175 0.84 -6.39 11.81
C GLN A 175 0.19 -5.95 13.12
N GLU A 176 -0.25 -4.69 13.17
CA GLU A 176 -0.98 -4.16 14.29
C GLU A 176 -2.45 -4.21 13.94
N GLY A 177 -2.73 -4.20 12.64
CA GLY A 177 -4.09 -4.20 12.15
C GLY A 177 -4.74 -5.51 12.53
N ARG A 178 -6.05 -5.53 12.52
CA ARG A 178 -6.74 -6.80 12.52
C ARG A 178 -7.80 -6.68 11.47
N ILE A 179 -8.03 -7.78 10.78
CA ILE A 179 -9.26 -7.94 10.03
C ILE A 179 -10.01 -9.08 10.67
N ASN A 180 -11.26 -8.83 11.04
CA ASN A 180 -12.16 -9.87 11.49
C ASN A 180 -12.94 -10.41 10.34
N TYR A 181 -13.00 -11.73 10.20
CA TYR A 181 -13.73 -12.34 9.08
C TYR A 181 -15.10 -12.90 9.48
N TYR A 182 -16.07 -12.79 8.58
CA TYR A 182 -17.47 -13.14 8.81
C TYR A 182 -18.04 -13.90 7.61
N TRP A 183 -19.09 -14.68 7.85
CA TRP A 183 -19.66 -15.51 6.81
C TRP A 183 -21.13 -15.82 7.12
N THR A 184 -21.94 -15.85 6.08
CA THR A 184 -23.30 -16.34 6.24
C THR A 184 -23.64 -17.19 5.04
N LEU A 185 -24.51 -18.18 5.25
CA LEU A 185 -25.07 -18.93 4.17
C LEU A 185 -26.26 -18.18 3.63
N LEU A 186 -26.32 -18.08 2.32
CA LEU A 186 -27.37 -17.30 1.66
C LEU A 186 -28.24 -18.29 0.91
N GLU A 187 -29.46 -18.44 1.39
CA GLU A 187 -30.37 -19.40 0.80
C GLU A 187 -30.86 -18.88 -0.53
N PRO A 188 -31.03 -19.79 -1.50
CA PRO A 188 -31.58 -19.41 -2.81
C PRO A 188 -32.88 -18.64 -2.64
N GLY A 189 -32.86 -17.37 -3.06
CA GLY A 189 -34.01 -16.50 -2.95
C GLY A 189 -33.79 -15.28 -2.07
N ASP A 190 -32.92 -15.43 -1.08
CA ASP A 190 -32.59 -14.34 -0.16
C ASP A 190 -31.68 -13.28 -0.81
N THR A 191 -31.65 -12.09 -0.22
CA THR A 191 -30.77 -11.04 -0.68
C THR A 191 -29.98 -10.46 0.49
N ILE A 192 -28.68 -10.33 0.28
CA ILE A 192 -27.77 -9.78 1.28
C ILE A 192 -27.33 -8.36 0.91
N ILE A 193 -27.35 -7.46 1.89
CA ILE A 193 -27.03 -6.06 1.63
C ILE A 193 -25.87 -5.55 2.51
N PHE A 194 -24.80 -5.16 1.84
CA PHE A 194 -23.66 -4.54 2.52
C PHE A 194 -23.80 -3.05 2.51
N GLU A 195 -23.66 -2.42 3.66
CA GLU A 195 -23.60 -0.98 3.67
C GLU A 195 -22.45 -0.54 4.54
N ALA A 196 -21.71 0.44 4.08
CA ALA A 196 -20.54 0.91 4.80
C ALA A 196 -20.07 2.28 4.35
N ASN A 197 -19.39 2.98 5.25
CA ASN A 197 -18.67 4.20 4.91
C ASN A 197 -17.22 4.12 5.32
N GLY A 198 -16.77 2.88 5.53
CA GLY A 198 -15.36 2.59 5.79
C GLY A 198 -15.15 1.17 6.25
N ASN A 199 -13.89 0.75 6.25
CA ASN A 199 -13.43 -0.50 6.87
C ASN A 199 -13.95 -1.83 6.31
N LEU A 200 -14.79 -1.79 5.29
CA LEU A 200 -15.28 -3.01 4.71
C LEU A 200 -14.21 -3.73 3.92
N ILE A 201 -13.87 -4.96 4.33
CA ILE A 201 -13.13 -5.86 3.43
C ILE A 201 -14.10 -6.72 2.61
N ALA A 202 -14.42 -6.21 1.42
CA ALA A 202 -15.53 -6.64 0.58
C ALA A 202 -15.31 -7.99 -0.07
N PRO A 203 -16.40 -8.77 -0.24
CA PRO A 203 -16.31 -10.07 -0.90
C PRO A 203 -16.00 -9.87 -2.38
N ARG A 204 -15.24 -10.77 -3.00
CA ARG A 204 -15.08 -10.68 -4.43
C ARG A 204 -15.59 -11.96 -5.08
N TYR A 205 -15.12 -13.10 -4.60
CA TYR A 205 -15.66 -14.38 -5.03
C TYR A 205 -16.49 -15.00 -3.92
N ALA A 206 -17.53 -15.73 -4.29
CA ALA A 206 -18.32 -16.52 -3.33
C ALA A 206 -18.50 -17.96 -3.83
N PHE A 207 -19.25 -18.76 -3.09
CA PHE A 207 -19.41 -20.16 -3.45
C PHE A 207 -20.84 -20.65 -3.36
N ALA A 208 -21.27 -21.37 -4.41
CA ALA A 208 -22.54 -22.08 -4.41
C ALA A 208 -22.24 -23.51 -3.98
N LEU A 209 -23.17 -24.14 -3.28
CA LEU A 209 -22.90 -25.46 -2.71
C LEU A 209 -24.10 -26.25 -2.22
N SER A 210 -23.85 -27.53 -1.94
CA SER A 210 -24.80 -28.45 -1.32
C SER A 210 -24.03 -29.51 -0.54
N ARG A 211 -24.71 -30.26 0.33
CA ARG A 211 -24.01 -31.02 1.37
C ARG A 211 -24.20 -32.55 1.43
N GLY A 212 -24.67 -33.16 0.34
CA GLY A 212 -24.83 -34.61 0.30
C GLY A 212 -25.15 -35.18 -1.07
N VAL B 3 1.77 9.71 -14.42
CA VAL B 3 2.86 10.65 -14.24
C VAL B 3 2.37 12.08 -14.03
N LEU B 4 3.19 12.87 -13.35
CA LEU B 4 2.84 14.19 -12.87
C LEU B 4 3.48 15.31 -13.70
N THR B 5 2.63 16.15 -14.31
CA THR B 5 3.10 17.32 -15.03
C THR B 5 3.36 18.52 -14.13
N GLN B 6 4.59 19.04 -14.18
CA GLN B 6 4.96 20.29 -13.51
C GLN B 6 5.37 21.29 -14.58
N PRO B 7 5.05 22.58 -14.36
CA PRO B 7 5.68 23.62 -15.19
C PRO B 7 7.17 23.43 -15.10
N LEU B 8 7.88 23.55 -16.21
CA LEU B 8 9.31 23.20 -16.21
C LEU B 8 10.13 24.26 -15.48
N SER B 9 9.61 25.47 -15.49
CA SER B 9 10.30 26.64 -14.96
C SER B 9 9.37 27.52 -14.14
N ALA B 10 9.95 28.33 -13.27
CA ALA B 10 9.17 29.30 -12.51
C ALA B 10 10.03 30.50 -12.07
N PRO B 11 9.65 31.70 -12.53
CA PRO B 11 10.30 32.96 -12.18
C PRO B 11 9.83 33.45 -10.84
N GLY B 12 10.70 34.13 -10.11
CA GLY B 12 10.30 34.82 -8.89
C GLY B 12 11.27 35.93 -8.52
N THR B 13 10.74 36.93 -7.83
CA THR B 13 11.54 38.06 -7.38
C THR B 13 11.30 38.24 -5.87
N PRO B 14 12.37 38.47 -5.10
CA PRO B 14 12.32 38.48 -3.63
C PRO B 14 11.10 39.16 -2.99
N GLY B 15 10.64 38.58 -1.89
CA GLY B 15 9.47 39.07 -1.21
C GLY B 15 8.20 38.45 -1.79
N GLN B 16 8.08 38.53 -3.10
CA GLN B 16 6.91 38.04 -3.84
C GLN B 16 6.57 36.57 -3.53
N ARG B 17 5.31 36.20 -3.80
CA ARG B 17 4.83 34.84 -3.58
C ARG B 17 4.71 34.07 -4.90
N VAL B 18 5.28 32.87 -4.95
CA VAL B 18 5.26 32.06 -6.17
C VAL B 18 4.62 30.70 -5.86
N THR B 19 4.02 30.06 -6.87
CA THR B 19 3.27 28.81 -6.66
C THR B 19 3.52 27.75 -7.73
N ILE B 20 4.19 26.66 -7.39
CA ILE B 20 4.44 25.57 -8.33
C ILE B 20 3.20 24.70 -8.40
N SER B 21 2.88 24.14 -9.55
CA SER B 21 1.70 23.29 -9.58
C SER B 21 2.06 21.91 -10.08
N CYS B 22 1.27 20.94 -9.65
CA CYS B 22 1.53 19.56 -10.00
C CYS B 22 0.26 18.91 -10.43
N SER B 23 0.17 18.54 -11.71
CA SER B 23 -1.08 17.96 -12.22
C SER B 23 -0.91 16.47 -12.43
N GLY B 24 -1.87 15.72 -11.91
CA GLY B 24 -1.85 14.28 -12.08
C GLY B 24 -3.16 13.74 -12.58
N SER B 25 -3.15 12.43 -12.85
CA SER B 25 -4.32 11.55 -12.96
C SER B 25 -5.00 11.35 -11.60
N SER B 26 -6.04 10.52 -11.56
CA SER B 26 -6.72 10.16 -10.31
C SER B 26 -6.05 8.98 -9.61
N SER B 27 -5.41 8.10 -10.38
CA SER B 27 -4.64 6.96 -9.85
C SER B 27 -3.62 7.41 -8.81
N ASN B 28 -3.32 8.69 -8.85
CA ASN B 28 -2.30 9.34 -8.03
C ASN B 28 -2.85 10.72 -7.68
N VAL B 29 -2.14 11.53 -6.94
CA VAL B 29 -2.60 12.89 -6.62
C VAL B 29 -4.07 13.01 -6.21
N GLY B 30 -4.97 12.76 -7.15
CA GLY B 30 -6.37 12.59 -6.87
C GLY B 30 -6.67 11.85 -5.57
N THR B 31 -6.20 10.61 -5.41
CA THR B 31 -6.58 9.85 -4.23
C THR B 31 -5.50 9.73 -3.13
N ASN B 32 -4.22 9.70 -3.51
CA ASN B 32 -3.12 9.53 -2.56
C ASN B 32 -2.47 10.81 -2.09
N ALA B 33 -1.78 10.74 -0.97
CA ALA B 33 -1.10 11.92 -0.42
C ALA B 33 0.03 12.40 -1.36
N VAL B 34 0.19 13.72 -1.44
CA VAL B 34 1.22 14.36 -2.27
C VAL B 34 2.33 14.98 -1.44
N ASP B 35 3.60 14.70 -1.77
CA ASP B 35 4.69 15.38 -1.10
C ASP B 35 5.44 16.27 -2.08
N TRP B 36 6.10 17.27 -1.54
CA TRP B 36 6.95 18.18 -2.25
C TRP B 36 8.37 18.12 -1.72
N TYR B 37 9.34 17.96 -2.60
CA TYR B 37 10.74 18.00 -2.16
C TYR B 37 11.50 19.17 -2.79
N GLN B 38 12.44 19.74 -2.04
CA GLN B 38 13.34 20.77 -2.61
C GLN B 38 14.75 20.22 -2.73
N ARG B 39 15.38 20.43 -3.88
CA ARG B 39 16.79 20.04 -4.05
C ARG B 39 17.67 21.21 -4.48
N LEU B 40 18.52 21.63 -3.56
CA LEU B 40 19.64 22.53 -3.84
C LEU B 40 20.84 21.72 -4.41
N PRO B 41 21.85 22.42 -4.98
CA PRO B 41 22.94 21.64 -5.60
C PRO B 41 23.91 21.07 -4.57
N GLY B 42 24.47 19.90 -4.86
CA GLY B 42 25.44 19.27 -3.98
C GLY B 42 24.83 18.55 -2.79
N THR B 43 23.81 19.18 -2.21
CA THR B 43 23.06 18.63 -1.08
C THR B 43 22.00 17.59 -1.50
N ALA B 44 21.30 17.04 -0.51
CA ALA B 44 20.25 16.05 -0.74
C ALA B 44 18.85 16.67 -0.75
N PRO B 45 17.90 16.01 -1.41
CA PRO B 45 16.56 16.59 -1.47
C PRO B 45 15.96 16.68 -0.08
N LYS B 46 15.09 17.67 0.13
CA LYS B 46 14.58 17.95 1.46
C LYS B 46 13.06 18.02 1.45
N LEU B 47 12.42 17.32 2.39
CA LEU B 47 10.96 17.27 2.41
C LEU B 47 10.39 18.62 2.85
N LEU B 48 9.66 19.27 1.97
CA LEU B 48 9.00 20.51 2.31
C LEU B 48 7.60 20.21 2.83
N ILE B 49 6.86 19.38 2.11
CA ILE B 49 5.48 19.17 2.45
C ILE B 49 5.07 17.76 2.18
N TYR B 50 4.32 17.17 3.12
CA TYR B 50 3.84 15.79 2.98
C TYR B 50 2.34 15.72 3.33
N TYR B 51 1.65 14.66 2.90
CA TYR B 51 0.21 14.53 3.16
C TYR B 51 -0.59 15.73 2.61
N ASN B 52 -0.25 16.16 1.40
CA ASN B 52 -0.88 17.30 0.74
C ASN B 52 -0.54 18.67 1.35
N ASN B 53 -0.72 18.83 2.65
CA ASN B 53 -0.53 20.16 3.24
C ASN B 53 0.21 20.21 4.55
N GLN B 54 0.95 19.17 4.91
CA GLN B 54 1.64 19.14 6.21
C GLN B 54 3.13 19.51 6.13
N ARG B 55 3.55 20.51 6.90
CA ARG B 55 4.97 20.81 7.01
C ARG B 55 5.62 19.93 8.05
N PRO B 56 6.68 19.21 7.68
CA PRO B 56 7.50 18.58 8.72
C PRO B 56 8.25 19.62 9.54
N SER B 57 8.60 19.31 10.79
CA SER B 57 9.31 20.26 11.64
C SER B 57 10.64 20.69 11.03
N GLY B 58 10.98 21.97 11.19
CA GLY B 58 12.19 22.53 10.63
C GLY B 58 11.93 23.23 9.30
N VAL B 59 10.66 23.27 8.91
CA VAL B 59 10.26 23.91 7.68
C VAL B 59 9.49 25.19 7.99
N PRO B 60 10.00 26.32 7.50
CA PRO B 60 9.45 27.67 7.63
C PRO B 60 7.95 27.72 7.35
N ASP B 61 7.21 28.59 8.04
CA ASP B 61 5.78 28.75 7.77
C ASP B 61 5.52 29.25 6.34
N ARG B 62 6.61 29.62 5.68
CA ARG B 62 6.64 30.11 4.28
C ARG B 62 6.19 29.13 3.22
N PHE B 63 6.46 27.86 3.45
CA PHE B 63 6.03 26.81 2.57
C PHE B 63 4.64 26.34 2.98
N SER B 64 3.74 26.31 2.02
CA SER B 64 2.40 25.79 2.25
C SER B 64 2.07 24.90 1.08
N GLY B 65 1.13 23.99 1.30
CA GLY B 65 0.81 22.95 0.33
C GLY B 65 -0.69 22.83 0.31
N SER B 66 -1.22 22.56 -0.87
CA SER B 66 -2.64 22.32 -0.97
C SER B 66 -2.86 21.39 -2.13
N LYS B 67 -4.11 20.96 -2.30
CA LYS B 67 -4.45 20.00 -3.32
C LYS B 67 -5.92 20.06 -3.63
N SER B 68 -6.27 19.98 -4.89
CA SER B 68 -7.64 20.14 -5.27
C SER B 68 -7.88 19.33 -6.50
N GLY B 69 -8.74 18.32 -6.38
CA GLY B 69 -9.03 17.43 -7.48
C GLY B 69 -7.77 16.64 -7.82
N THR B 70 -7.27 16.80 -9.04
CA THR B 70 -6.12 16.01 -9.47
C THR B 70 -4.87 16.86 -9.59
N SER B 71 -4.84 17.97 -8.86
CA SER B 71 -3.70 18.88 -9.01
C SER B 71 -3.29 19.49 -7.67
N ALA B 72 -2.02 19.31 -7.31
CA ALA B 72 -1.49 19.82 -6.05
C ALA B 72 -0.68 21.09 -6.31
N SER B 73 -0.37 21.85 -5.24
CA SER B 73 0.34 23.11 -5.38
C SER B 73 1.26 23.40 -4.23
N LEU B 74 2.52 23.64 -4.54
CA LEU B 74 3.48 24.14 -3.56
C LEU B 74 3.48 25.66 -3.56
N ALA B 75 3.42 26.28 -2.40
CA ALA B 75 3.38 27.74 -2.37
C ALA B 75 4.47 28.34 -1.49
N ILE B 76 5.31 29.18 -2.08
CA ILE B 76 6.32 29.92 -1.32
C ILE B 76 5.91 31.38 -1.20
N SER B 77 5.94 31.92 0.02
CA SER B 77 5.33 33.23 0.30
C SER B 77 6.33 34.37 0.51
N GLY B 78 7.32 34.14 1.36
CA GLY B 78 8.41 35.10 1.49
C GLY B 78 9.53 34.46 0.74
N LEU B 79 9.90 35.05 -0.38
CA LEU B 79 10.77 34.33 -1.29
C LEU B 79 12.23 34.81 -1.17
N ARG B 80 13.01 34.10 -0.37
CA ARG B 80 14.43 34.34 -0.26
C ARG B 80 15.18 33.94 -1.53
N SER B 81 16.46 34.31 -1.63
CA SER B 81 17.26 33.94 -2.78
C SER B 81 17.74 32.50 -2.68
N GLU B 82 17.90 32.02 -1.45
CA GLU B 82 18.43 30.69 -1.21
C GLU B 82 17.36 29.65 -1.54
N ASP B 83 16.20 30.13 -1.99
CA ASP B 83 15.08 29.32 -2.46
C ASP B 83 15.25 28.83 -3.89
N GLU B 84 16.26 29.34 -4.59
CA GLU B 84 16.53 28.95 -5.96
C GLU B 84 16.99 27.50 -5.98
N ALA B 85 16.16 26.62 -6.57
CA ALA B 85 16.45 25.18 -6.63
C ALA B 85 15.43 24.45 -7.47
N ASP B 86 15.56 23.14 -7.52
CA ASP B 86 14.59 22.30 -8.19
C ASP B 86 13.52 21.84 -7.18
N TYR B 87 12.24 22.05 -7.53
CA TYR B 87 11.13 21.55 -6.71
C TYR B 87 10.44 20.37 -7.36
N TYR B 88 10.25 19.32 -6.56
CA TYR B 88 9.61 18.10 -7.01
C TYR B 88 8.37 17.74 -6.23
N CYS B 89 7.61 16.87 -6.83
CA CYS B 89 6.23 16.65 -6.56
C CYS B 89 6.12 15.15 -6.61
N ALA B 90 5.55 14.58 -5.56
CA ALA B 90 5.58 13.12 -5.40
C ALA B 90 4.29 12.53 -4.83
N THR B 91 4.07 11.25 -5.12
CA THR B 91 2.87 10.59 -4.69
C THR B 91 2.92 9.14 -5.12
N TRP B 92 2.00 8.36 -4.58
CA TRP B 92 1.86 6.99 -5.02
C TRP B 92 0.93 6.97 -6.19
N ASP B 93 1.20 6.10 -7.15
CA ASP B 93 0.25 5.90 -8.23
C ASP B 93 -0.32 4.48 -8.17
N ASN B 94 -1.62 4.35 -7.87
CA ASN B 94 -2.29 3.06 -8.04
C ASN B 94 -2.28 2.78 -9.53
N SER B 95 -2.54 1.55 -9.97
CA SER B 95 -2.41 1.19 -11.43
C SER B 95 -0.95 1.04 -11.89
N LEU B 96 -0.08 1.96 -11.53
CA LEU B 96 1.36 1.70 -11.66
C LEU B 96 1.86 0.92 -10.45
N ASN B 97 1.16 1.08 -9.34
CA ASN B 97 1.60 0.59 -8.04
C ASN B 97 3.04 0.98 -7.67
N ASP B 98 3.41 2.23 -7.91
CA ASP B 98 4.75 2.70 -7.61
C ASP B 98 4.74 4.12 -7.09
N ARG B 99 5.83 4.49 -6.43
CA ARG B 99 6.05 5.88 -6.13
C ARG B 99 6.38 6.54 -7.46
N VAL B 100 6.04 7.81 -7.59
CA VAL B 100 6.05 8.47 -8.89
C VAL B 100 6.45 9.95 -8.66
N PHE B 101 7.39 10.47 -9.46
CA PHE B 101 7.87 11.85 -9.26
C PHE B 101 7.47 12.81 -10.37
N GLY B 102 7.16 14.04 -10.02
CA GLY B 102 7.04 15.10 -11.01
C GLY B 102 8.34 15.27 -11.78
N GLY B 103 8.26 15.88 -12.95
CA GLY B 103 9.43 16.07 -13.79
C GLY B 103 10.39 17.09 -13.23
N GLY B 104 9.89 17.97 -12.34
CA GLY B 104 10.70 18.99 -11.72
C GLY B 104 10.34 20.38 -12.19
N THR B 105 10.40 21.35 -11.29
CA THR B 105 10.30 22.75 -11.65
C THR B 105 11.55 23.46 -11.19
N LYS B 106 12.24 24.17 -12.07
CA LYS B 106 13.28 25.01 -11.51
C LYS B 106 12.78 26.39 -11.18
N LEU B 107 12.93 26.75 -9.92
CA LEU B 107 12.67 28.10 -9.49
C LEU B 107 13.93 28.97 -9.59
N THR B 108 13.85 30.10 -10.30
CA THR B 108 14.94 31.07 -10.40
C THR B 108 14.56 32.45 -9.82
N VAL B 109 15.47 33.05 -9.06
CA VAL B 109 15.22 34.37 -8.46
C VAL B 109 16.14 35.43 -9.11
N LEU B 110 16.43 36.55 -8.46
CA LEU B 110 17.28 37.58 -9.09
C LEU B 110 18.49 37.99 -8.21
N GLN B 128 18.12 13.73 16.59
CA GLN B 128 17.38 13.39 15.37
C GLN B 128 18.09 12.31 14.57
N VAL B 129 17.30 11.45 13.92
CA VAL B 129 17.80 10.27 13.19
C VAL B 129 18.71 10.65 12.01
N GLN B 130 19.73 9.84 11.76
CA GLN B 130 20.60 10.14 10.62
C GLN B 130 21.02 8.89 9.85
N LEU B 131 21.01 9.03 8.54
CA LEU B 131 21.31 7.95 7.62
C LEU B 131 22.65 8.19 7.00
N VAL B 132 23.47 7.15 6.98
CA VAL B 132 24.80 7.30 6.42
C VAL B 132 24.99 6.22 5.37
N GLN B 133 24.96 6.66 4.11
CA GLN B 133 25.21 5.78 3.00
C GLN B 133 26.70 5.69 2.91
N SER B 134 27.20 4.71 2.18
CA SER B 134 28.62 4.73 1.89
C SER B 134 28.98 3.90 0.70
N GLY B 135 30.07 4.35 0.08
CA GLY B 135 30.79 3.59 -0.91
C GLY B 135 30.82 4.30 -2.23
N ALA B 136 30.94 5.63 -2.22
CA ALA B 136 30.89 6.42 -3.47
C ALA B 136 31.89 5.88 -4.46
N GLU B 137 31.43 5.23 -5.53
CA GLU B 137 32.39 4.53 -6.38
C GLU B 137 32.03 4.34 -7.84
N VAL B 138 32.98 3.72 -8.54
CA VAL B 138 33.03 3.68 -10.00
C VAL B 138 32.87 2.26 -10.49
N ARG B 139 32.33 2.10 -11.69
CA ARG B 139 32.18 0.76 -12.22
C ARG B 139 31.97 0.67 -13.72
N LYS B 140 32.35 -0.47 -14.27
CA LYS B 140 32.24 -0.68 -15.70
C LYS B 140 30.82 -1.06 -16.04
N PRO B 141 30.41 -0.85 -17.30
CA PRO B 141 29.14 -1.40 -17.77
C PRO B 141 29.07 -2.92 -17.59
N GLY B 142 27.85 -3.46 -17.50
CA GLY B 142 27.66 -4.89 -17.35
C GLY B 142 27.79 -5.45 -15.94
N SER B 143 28.43 -4.69 -15.05
CA SER B 143 28.66 -5.15 -13.68
C SER B 143 27.46 -4.87 -12.77
N SER B 144 27.73 -4.86 -11.46
CA SER B 144 26.69 -4.54 -10.48
C SER B 144 27.24 -3.72 -9.34
N VAL B 145 26.36 -2.99 -8.64
CA VAL B 145 26.75 -2.17 -7.49
C VAL B 145 25.92 -2.49 -6.26
N LYS B 146 26.54 -2.45 -5.09
CA LYS B 146 25.79 -2.58 -3.84
C LYS B 146 26.06 -1.40 -2.89
N VAL B 147 25.13 -0.45 -2.89
CA VAL B 147 25.11 0.66 -1.94
C VAL B 147 24.44 0.25 -0.64
N SER B 148 25.00 0.69 0.47
CA SER B 148 24.40 0.43 1.77
C SER B 148 24.09 1.74 2.48
N CYS B 149 23.24 1.66 3.50
CA CYS B 149 22.77 2.83 4.24
C CYS B 149 22.49 2.49 5.70
N LYS B 150 23.27 3.08 6.60
CA LYS B 150 23.23 2.73 8.02
C LYS B 150 22.54 3.78 8.87
N ALA B 151 21.70 3.30 9.78
CA ALA B 151 20.93 4.20 10.63
C ALA B 151 21.58 4.35 12.00
N SER B 152 21.31 5.49 12.65
CA SER B 152 21.80 5.75 14.00
C SER B 152 20.86 6.71 14.72
N ARG B 153 20.71 6.55 16.04
CA ARG B 153 19.73 7.29 16.84
C ARG B 153 18.31 7.15 16.27
N GLY B 154 18.07 6.04 15.60
CA GLY B 154 16.79 5.76 14.98
C GLY B 154 16.86 4.45 14.20
N THR B 155 15.74 4.02 13.63
CA THR B 155 15.66 2.67 13.08
C THR B 155 14.73 2.57 11.86
N PHE B 156 14.90 1.49 11.11
CA PHE B 156 13.99 1.12 10.02
C PHE B 156 12.99 0.06 10.50
N SER B 157 12.67 0.11 11.79
CA SER B 157 11.86 -0.92 12.42
C SER B 157 10.37 -0.71 12.17
N ASN B 158 9.95 0.54 12.18
CA ASN B 158 8.54 0.90 12.03
C ASN B 158 8.34 1.89 10.89
N HIS B 159 9.29 1.90 9.97
CA HIS B 159 9.33 2.88 8.88
C HIS B 159 9.77 2.24 7.56
N ALA B 160 9.12 2.63 6.49
CA ALA B 160 9.62 2.26 5.17
C ALA B 160 10.86 3.08 4.81
N VAL B 161 11.72 2.49 4.00
CA VAL B 161 12.90 3.17 3.50
C VAL B 161 12.81 3.19 1.97
N SER B 162 13.11 4.32 1.34
CA SER B 162 13.05 4.43 -0.11
C SER B 162 14.43 4.59 -0.68
N TRP B 163 14.64 4.11 -1.89
CA TRP B 163 15.86 4.42 -2.63
C TRP B 163 15.47 5.24 -3.84
N VAL B 164 16.20 6.32 -4.04
CA VAL B 164 15.91 7.25 -5.08
C VAL B 164 17.22 7.59 -5.74
N ARG B 165 17.25 7.72 -7.07
CA ARG B 165 18.43 8.25 -7.71
C ARG B 165 18.17 9.55 -8.46
N GLN B 166 19.23 10.28 -8.74
CA GLN B 166 19.20 11.39 -9.71
C GLN B 166 20.37 11.34 -10.67
N ALA B 167 20.09 11.03 -11.95
CA ALA B 167 21.12 11.12 -12.98
C ALA B 167 21.37 12.61 -13.19
N PRO B 168 22.63 13.00 -13.40
CA PRO B 168 22.96 14.42 -13.55
C PRO B 168 22.13 15.10 -14.65
N GLY B 169 21.44 16.18 -14.28
CA GLY B 169 20.59 16.92 -15.19
C GLY B 169 19.38 16.11 -15.61
N HIS B 170 18.69 15.65 -14.59
CA HIS B 170 17.55 14.78 -14.75
C HIS B 170 16.72 14.96 -13.49
N GLY B 171 15.56 14.33 -13.46
CA GLY B 171 14.78 14.40 -12.25
C GLY B 171 15.05 13.23 -11.33
N LEU B 172 14.37 13.27 -10.17
CA LEU B 172 14.40 12.20 -9.18
C LEU B 172 13.70 10.97 -9.72
N GLU B 173 14.13 9.80 -9.27
CA GLU B 173 13.64 8.58 -9.86
C GLU B 173 13.62 7.48 -8.78
N TRP B 174 12.44 6.95 -8.53
CA TRP B 174 12.28 5.99 -7.44
C TRP B 174 12.68 4.60 -7.88
N LEU B 175 13.68 4.04 -7.22
CA LEU B 175 14.07 2.68 -7.51
C LEU B 175 13.15 1.71 -6.78
N GLY B 176 12.77 2.02 -5.56
CA GLY B 176 11.94 1.11 -4.81
C GLY B 176 12.02 1.33 -3.32
N GLY B 177 11.45 0.38 -2.58
CA GLY B 177 11.34 0.54 -1.15
C GLY B 177 11.38 -0.74 -0.36
N LEU B 178 11.50 -0.59 0.94
CA LEU B 178 11.41 -1.71 1.85
C LEU B 178 10.27 -1.43 2.82
N ILE B 179 9.32 -2.35 2.84
CA ILE B 179 8.19 -2.29 3.77
C ILE B 179 8.57 -3.06 5.04
N PRO B 180 8.31 -2.47 6.23
CA PRO B 180 8.75 -3.03 7.53
C PRO B 180 7.87 -4.17 8.02
N ILE B 181 7.39 -4.97 7.07
CA ILE B 181 6.63 -6.16 7.37
C ILE B 181 7.29 -7.32 6.65
N PHE B 182 7.92 -8.21 7.41
CA PHE B 182 8.73 -9.30 6.85
C PHE B 182 9.85 -8.81 5.98
N SER B 183 10.29 -7.56 6.18
CA SER B 183 11.26 -6.91 5.28
C SER B 183 10.99 -7.16 3.80
N THR B 184 9.78 -6.87 3.32
CA THR B 184 9.49 -7.17 1.93
C THR B 184 9.83 -6.00 1.01
N PRO B 185 10.60 -6.28 -0.04
CA PRO B 185 10.93 -5.29 -1.06
C PRO B 185 9.77 -4.95 -2.00
N HIS B 186 9.92 -3.83 -2.70
CA HIS B 186 8.96 -3.38 -3.71
C HIS B 186 9.73 -2.64 -4.79
N TYR B 187 9.69 -3.15 -6.00
CA TYR B 187 10.52 -2.61 -7.08
C TYR B 187 9.70 -1.87 -8.12
N ALA B 188 10.11 -0.65 -8.42
CA ALA B 188 9.45 0.12 -9.46
C ALA B 188 9.54 -0.63 -10.81
N GLN B 189 8.53 -0.44 -11.66
CA GLN B 189 8.41 -1.16 -12.94
C GLN B 189 9.72 -1.21 -13.72
N LYS B 190 10.31 -0.03 -13.94
CA LYS B 190 11.49 0.12 -14.79
C LYS B 190 12.69 -0.71 -14.35
N PHE B 191 12.64 -1.19 -13.11
CA PHE B 191 13.79 -1.78 -12.45
C PHE B 191 13.66 -3.24 -11.99
N GLN B 192 12.46 -3.79 -12.00
CA GLN B 192 12.30 -5.17 -11.53
C GLN B 192 13.20 -6.10 -12.33
N GLY B 193 13.89 -6.99 -11.63
CA GLY B 193 14.87 -7.86 -12.27
C GLY B 193 16.30 -7.36 -12.15
N ARG B 194 16.49 -6.05 -12.08
CA ARG B 194 17.82 -5.49 -11.90
C ARG B 194 18.07 -5.15 -10.45
N VAL B 195 17.02 -4.86 -9.70
CA VAL B 195 17.21 -4.37 -8.35
C VAL B 195 16.90 -5.41 -7.28
N THR B 196 17.75 -5.42 -6.28
CA THR B 196 17.54 -6.17 -5.08
C THR B 196 17.76 -5.21 -3.91
N ILE B 197 16.83 -5.24 -2.98
CA ILE B 197 16.90 -4.42 -1.78
C ILE B 197 16.68 -5.38 -0.61
N THR B 198 17.53 -5.26 0.40
CA THR B 198 17.63 -6.20 1.51
C THR B 198 17.92 -5.43 2.78
N ALA B 199 17.80 -6.07 3.94
CA ALA B 199 18.21 -5.41 5.18
C ALA B 199 18.97 -6.34 6.12
N ASP B 200 19.96 -5.80 6.82
CA ASP B 200 20.48 -6.46 8.01
C ASP B 200 20.13 -5.57 9.20
N GLU B 201 19.15 -5.99 9.99
CA GLU B 201 18.63 -5.16 11.07
C GLU B 201 19.49 -5.25 12.32
N SER B 202 20.36 -6.25 12.37
CA SER B 202 21.36 -6.30 13.43
C SER B 202 22.32 -5.10 13.35
N THR B 203 22.61 -4.67 12.12
CA THR B 203 23.53 -3.54 11.90
C THR B 203 22.80 -2.23 11.57
N ASN B 204 21.47 -2.27 11.57
CA ASN B 204 20.64 -1.10 11.26
C ASN B 204 20.95 -0.51 9.88
N THR B 205 21.21 -1.40 8.91
CA THR B 205 21.51 -0.98 7.55
C THR B 205 20.57 -1.54 6.49
N VAL B 206 20.30 -0.73 5.47
CA VAL B 206 19.54 -1.19 4.31
C VAL B 206 20.44 -1.20 3.08
N HIS B 207 20.26 -2.16 2.18
CA HIS B 207 21.16 -2.32 1.03
C HIS B 207 20.47 -2.37 -0.33
N MET B 208 20.84 -1.44 -1.20
CA MET B 208 20.37 -1.46 -2.57
C MET B 208 21.44 -2.01 -3.51
N GLU B 209 21.12 -3.08 -4.22
CA GLU B 209 22.01 -3.62 -5.24
C GLU B 209 21.41 -3.57 -6.64
N LEU B 210 22.03 -2.78 -7.50
CA LEU B 210 21.62 -2.64 -8.89
C LEU B 210 22.57 -3.38 -9.80
N SER B 211 22.04 -4.17 -10.72
CA SER B 211 22.91 -4.95 -11.58
C SER B 211 22.71 -4.69 -13.06
N SER B 212 23.49 -5.39 -13.89
CA SER B 212 23.50 -5.18 -15.33
C SER B 212 23.53 -3.69 -15.66
N LEU B 213 24.45 -2.99 -15.03
CA LEU B 213 24.55 -1.56 -15.17
C LEU B 213 24.78 -1.06 -16.60
N ARG B 214 24.78 0.27 -16.71
CA ARG B 214 25.04 0.96 -17.94
C ARG B 214 25.10 2.45 -17.64
N SER B 215 25.47 3.25 -18.63
CA SER B 215 25.67 4.68 -18.41
C SER B 215 24.36 5.36 -18.07
N GLU B 216 23.26 4.75 -18.50
CA GLU B 216 21.93 5.17 -18.12
C GLU B 216 21.82 5.29 -16.58
N ASP B 217 22.58 4.47 -15.87
CA ASP B 217 22.49 4.37 -14.42
C ASP B 217 23.49 5.26 -13.65
N THR B 218 24.39 5.95 -14.33
CA THR B 218 25.32 6.78 -13.56
C THR B 218 24.51 7.91 -12.93
N ALA B 219 24.59 8.03 -11.61
CA ALA B 219 23.75 8.97 -10.88
C ALA B 219 24.19 9.09 -9.44
N VAL B 220 23.56 9.99 -8.68
CA VAL B 220 23.72 9.98 -7.23
C VAL B 220 22.59 9.18 -6.60
N TYR B 221 22.92 8.19 -5.80
CA TYR B 221 21.88 7.35 -5.23
C TYR B 221 21.61 7.73 -3.79
N TYR B 222 20.34 7.78 -3.44
CA TYR B 222 19.94 8.17 -2.11
C TYR B 222 19.08 7.12 -1.46
N CYS B 223 19.11 7.17 -0.15
CA CYS B 223 18.45 6.27 0.75
C CYS B 223 17.64 7.19 1.61
N ALA B 224 16.36 6.91 1.82
CA ALA B 224 15.52 7.80 2.62
C ALA B 224 14.50 7.05 3.45
N ARG B 225 14.18 7.58 4.62
CA ARG B 225 13.15 6.98 5.43
C ARG B 225 11.82 7.65 5.17
N GLU B 226 10.75 6.85 5.13
CA GLU B 226 9.42 7.34 4.80
C GLU B 226 8.59 7.57 6.03
N ILE B 227 7.93 8.72 6.11
CA ILE B 227 6.83 8.89 7.05
C ILE B 227 5.67 7.98 6.66
N PRO B 228 5.16 7.18 7.61
CA PRO B 228 4.02 6.33 7.32
C PRO B 228 2.69 7.10 7.41
N GLY B 229 1.80 6.85 6.44
CA GLY B 229 0.48 7.43 6.47
C GLY B 229 -0.36 6.50 7.31
N ALA B 230 -0.06 5.21 7.17
CA ALA B 230 -0.73 4.16 7.92
C ALA B 230 0.16 2.94 8.01
N THR B 231 0.26 2.37 9.21
CA THR B 231 1.11 1.20 9.43
C THR B 231 0.35 -0.11 9.26
N SER B 232 -0.97 -0.04 9.20
CA SER B 232 -1.80 -1.24 9.25
C SER B 232 -2.54 -1.56 7.96
N GLY B 233 -2.29 -0.75 6.93
CA GLY B 233 -3.04 -0.86 5.70
C GLY B 233 -2.26 -1.51 4.60
N PRO B 234 -2.70 -1.31 3.36
CA PRO B 234 -1.98 -1.74 2.17
C PRO B 234 -0.64 -1.03 2.12
N ASP B 235 0.36 -1.67 1.52
CA ASP B 235 1.75 -1.19 1.52
C ASP B 235 1.90 0.27 1.24
N HIS B 236 1.13 0.78 0.29
CA HIS B 236 1.47 2.08 -0.24
C HIS B 236 1.22 3.17 0.80
N PHE B 237 0.58 2.82 1.90
CA PHE B 237 0.39 3.83 2.92
C PHE B 237 1.64 3.99 3.79
N PHE B 238 2.60 3.09 3.68
CA PHE B 238 3.86 3.32 4.39
C PHE B 238 4.65 4.52 3.86
N PHE B 239 4.45 4.88 2.59
CA PHE B 239 5.29 5.92 1.93
C PHE B 239 4.58 7.26 1.78
N TYR B 240 4.50 8.01 2.86
CA TYR B 240 3.78 9.29 2.79
C TYR B 240 4.74 10.50 2.70
N GLY B 241 6.04 10.23 2.70
CA GLY B 241 7.00 11.30 2.65
C GLY B 241 8.39 10.95 3.11
N MET B 242 9.39 11.28 2.30
CA MET B 242 10.74 10.95 2.70
C MET B 242 11.29 12.10 3.53
N ASP B 243 11.31 11.94 4.85
CA ASP B 243 11.69 13.06 5.70
C ASP B 243 13.20 13.06 5.98
N VAL B 244 13.83 11.90 6.07
CA VAL B 244 15.26 11.86 6.31
C VAL B 244 16.04 11.07 5.26
N TRP B 245 17.07 11.73 4.74
CA TRP B 245 17.87 11.24 3.63
C TRP B 245 19.31 10.94 4.02
N GLY B 246 19.90 9.92 3.39
CA GLY B 246 21.34 9.79 3.40
C GLY B 246 22.01 10.98 2.74
N GLN B 247 23.28 10.85 2.43
CA GLN B 247 24.11 11.94 1.92
C GLN B 247 24.19 11.87 0.42
N GLY B 248 23.71 10.73 -0.07
CA GLY B 248 23.84 10.34 -1.45
C GLY B 248 25.14 9.60 -1.67
N THR B 249 25.11 8.67 -2.61
CA THR B 249 26.28 7.94 -3.04
C THR B 249 26.42 8.13 -4.54
N THR B 250 27.52 8.73 -5.03
CA THR B 250 27.65 8.84 -6.48
C THR B 250 28.15 7.52 -7.06
N VAL B 251 27.54 7.13 -8.18
CA VAL B 251 27.92 5.95 -8.94
C VAL B 251 28.09 6.30 -10.42
N ALA B 252 29.28 6.02 -10.96
CA ALA B 252 29.61 6.35 -12.35
C ALA B 252 29.98 5.13 -13.20
N VAL B 253 29.50 5.12 -14.44
CA VAL B 253 29.73 4.03 -15.37
C VAL B 253 30.31 4.51 -16.73
C1 NAG C . 4.83 -26.98 4.58
C2 NAG C . 5.97 -26.48 3.70
C3 NAG C . 7.36 -26.77 4.29
C4 NAG C . 7.38 -26.63 5.80
C5 NAG C . 6.19 -27.29 6.50
C6 NAG C . 5.42 -26.26 7.32
C7 NAG C . 4.78 -26.94 1.65
C8 NAG C . 3.75 -28.03 1.79
N2 NAG C . 5.87 -27.08 2.38
O3 NAG C . 8.31 -25.86 3.71
O4 NAG C . 8.59 -27.21 6.31
O5 NAG C . 5.29 -27.91 5.57
O6 NAG C . 4.04 -26.65 7.39
O7 NAG C . 4.61 -25.99 0.90
C1 NAG D . 3.23 -19.41 4.33
C2 NAG D . 3.19 -18.02 4.94
C3 NAG D . 4.51 -17.29 4.73
C4 NAG D . 5.69 -18.17 5.14
C5 NAG D . 5.58 -19.55 4.53
C6 NAG D . 6.71 -20.46 5.01
C7 NAG D . 1.63 -16.15 4.94
C8 NAG D . 0.13 -16.08 5.04
N2 NAG D . 2.11 -17.24 4.35
O3 NAG D . 4.53 -16.08 5.50
O4 NAG D . 6.91 -17.56 4.73
O5 NAG D . 4.32 -20.14 4.88
O6 NAG D . 6.57 -20.70 6.40
O7 NAG D . 2.36 -15.28 5.37
C1 NAG E . -20.67 6.79 -7.61
C2 NAG E . -22.15 6.76 -7.26
C3 NAG E . -22.79 5.46 -7.75
C4 NAG E . -22.44 5.19 -9.21
C5 NAG E . -20.93 5.32 -9.44
C6 NAG E . -20.59 5.13 -10.91
C7 NAG E . -23.15 7.80 -5.31
C8 NAG E . -24.52 7.85 -5.91
N2 NAG E . -22.33 6.88 -5.84
O3 NAG E . -24.22 5.56 -7.63
O4 NAG E . -22.86 3.88 -9.58
O5 NAG E . -20.50 6.61 -9.02
O6 NAG E . -21.16 3.91 -11.38
O7 NAG E . -22.80 8.55 -4.41
#